data_8VJT
#
_entry.id   8VJT
#
_cell.length_a   32.821
_cell.length_b   32.821
_cell.length_c   57.970
_cell.angle_alpha   90.000
_cell.angle_beta   90.000
_cell.angle_gamma   90.000
#
_symmetry.space_group_name_H-M   'P 4 21 2'
#
loop_
_entity.id
_entity.type
_entity.pdbx_description
1 polymer "RNA (5'-R(*GP*UP*GP*UP*GP*U)-3')"
2 non-polymer 'POTASSIUM ION'
3 non-polymer 'SODIUM ION'
4 water water
#
_entity_poly.entity_id   1
_entity_poly.type   'polyribonucleotide'
_entity_poly.pdbx_seq_one_letter_code
;GUGUGU
;
_entity_poly.pdbx_strand_id   A,B
#